data_7YVV
#
_entry.id   7YVV
#
_cell.length_a   71.130
_cell.length_b   71.130
_cell.length_c   56.281
_cell.angle_alpha   90.000
_cell.angle_beta   90.000
_cell.angle_gamma   120.000
#
_symmetry.space_group_name_H-M   'P 31'
#
loop_
_entity.id
_entity.type
_entity.pdbx_description
1 polymer '4-hydroxyphenylpyruvate dioxygenase'
2 non-polymer 'ISOPROPYL ALCOHOL'
3 non-polymer 'FE (III) ION'
4 non-polymer 'CHLORIDE ION'
5 water water
#
_entity_poly.entity_id   1
_entity_poly.type   'polypeptide(L)'
_entity_poly.pdbx_seq_one_letter_code
;MGSSHHHHHHSSGLVPRGSHMVTPNPSALDGLELDYVRFYVGSLDTARDWLVRGYGLGERPLGDSGPDWATVRSTEIGAN
DIRFVFSEPLVDDHPGTAYVDRHGDGVSDIALRVTDAKAAFEEAVARGARPVAGPSRAGHVVTASIMGFGDTLHTFVEYP
DGPPAPIAVNAEEPGALLEIDHFAVCVEHGHLDATVDFYRDVLGFELIFAETIAVGSQAMTTKVVQSKSGSVTFTLIEPD
TSKDPGHIDDFLKDHGGAGVQHIAFTSNGIIEAVDVLRDRGVEFMGTPASYYADLLQRVVPEQYSVPELRTQQVLVDEDH
DGQLYQIFARSVHPRNTIFLELIERLGARGFGSGNITALYQAAERQRDHH
;
_entity_poly.pdbx_strand_id   A
#
# COMPACT_ATOMS: atom_id res chain seq x y z
N SER A 27 -0.49 -5.85 24.11
CA SER A 27 0.28 -7.10 24.19
C SER A 27 -0.14 -8.09 23.11
N ALA A 28 -1.45 -8.30 23.00
CA ALA A 28 -1.99 -9.01 21.84
C ALA A 28 -1.74 -8.22 20.56
N LEU A 29 -1.70 -6.89 20.67
CA LEU A 29 -1.41 -6.02 19.54
C LEU A 29 0.07 -5.96 19.20
N ASP A 30 0.95 -6.25 20.17
CA ASP A 30 2.38 -6.09 19.94
C ASP A 30 2.88 -6.97 18.80
N GLY A 31 2.31 -8.15 18.63
CA GLY A 31 2.80 -9.07 17.62
C GLY A 31 2.00 -9.09 16.33
N LEU A 32 1.14 -8.10 16.13
CA LEU A 32 0.29 -8.11 14.95
C LEU A 32 1.13 -8.07 13.67
N GLU A 33 0.66 -8.77 12.65
CA GLU A 33 1.34 -8.88 11.36
C GLU A 33 0.36 -8.51 10.26
N LEU A 34 0.90 -8.07 9.13
CA LEU A 34 0.05 -7.77 7.99
C LEU A 34 -0.56 -9.06 7.44
N ASP A 35 -1.87 -9.05 7.23
CA ASP A 35 -2.52 -10.21 6.64
C ASP A 35 -2.95 -9.92 5.22
N TYR A 36 -4.25 -9.90 4.96
CA TYR A 36 -4.76 -9.64 3.63
C TYR A 36 -5.19 -8.19 3.50
N VAL A 37 -5.31 -7.74 2.24
CA VAL A 37 -5.83 -6.42 1.91
C VAL A 37 -7.12 -6.62 1.14
N ARG A 38 -8.23 -6.16 1.70
CA ARG A 38 -9.53 -6.35 1.07
C ARG A 38 -9.90 -5.12 0.27
N PHE A 39 -10.26 -5.34 -0.99
CA PHE A 39 -10.82 -4.32 -1.87
C PHE A 39 -12.32 -4.54 -2.01
N TYR A 40 -13.05 -3.43 -2.17
CA TYR A 40 -14.40 -3.47 -2.71
C TYR A 40 -14.32 -3.08 -4.18
N VAL A 41 -14.96 -3.87 -5.04
CA VAL A 41 -14.85 -3.69 -6.48
C VAL A 41 -16.23 -3.87 -7.12
N GLY A 42 -16.45 -3.13 -8.20
CA GLY A 42 -17.67 -3.31 -8.98
C GLY A 42 -17.71 -4.62 -9.74
N SER A 43 -16.55 -5.19 -10.06
CA SER A 43 -16.47 -6.42 -10.83
C SER A 43 -15.17 -7.14 -10.47
N LEU A 44 -15.30 -8.39 -10.01
CA LEU A 44 -14.11 -9.16 -9.69
C LEU A 44 -13.16 -9.27 -10.88
N ASP A 45 -13.67 -9.14 -12.11
CA ASP A 45 -12.81 -9.30 -13.28
C ASP A 45 -11.93 -8.07 -13.52
N THR A 46 -12.28 -6.92 -12.97
CA THR A 46 -11.38 -5.77 -13.06
C THR A 46 -10.11 -6.01 -12.26
N ALA A 47 -10.23 -6.68 -11.11
CA ALA A 47 -9.04 -7.08 -10.35
C ALA A 47 -8.32 -8.22 -11.04
N ARG A 48 -9.06 -9.20 -11.54
CA ARG A 48 -8.45 -10.30 -12.28
C ARG A 48 -7.65 -9.79 -13.47
N ASP A 49 -8.29 -9.01 -14.34
CA ASP A 49 -7.57 -8.48 -15.49
C ASP A 49 -6.39 -7.62 -15.07
N TRP A 50 -6.49 -6.96 -13.92
CA TRP A 50 -5.46 -6.02 -13.48
C TRP A 50 -4.24 -6.75 -12.92
N LEU A 51 -4.45 -7.58 -11.90
CA LEU A 51 -3.35 -8.23 -11.20
C LEU A 51 -3.03 -9.61 -11.76
N VAL A 52 -4.03 -10.39 -12.11
CA VAL A 52 -3.78 -11.73 -12.62
C VAL A 52 -3.23 -11.67 -14.05
N ARG A 53 -4.01 -11.08 -14.96
CA ARG A 53 -3.60 -11.06 -16.36
C ARG A 53 -2.49 -10.05 -16.61
N GLY A 54 -2.50 -8.93 -15.90
CA GLY A 54 -1.47 -7.92 -16.08
C GLY A 54 -0.18 -8.19 -15.32
N TYR A 55 -0.28 -8.40 -14.01
CA TYR A 55 0.89 -8.59 -13.17
C TYR A 55 1.30 -10.04 -13.02
N GLY A 56 0.46 -10.99 -13.41
CA GLY A 56 0.80 -12.39 -13.31
C GLY A 56 0.61 -13.01 -11.95
N LEU A 57 -0.23 -12.43 -11.11
CA LEU A 57 -0.50 -13.02 -9.80
C LEU A 57 -1.46 -14.20 -9.94
N GLY A 58 -1.45 -15.06 -8.92
CA GLY A 58 -2.35 -16.20 -8.91
C GLY A 58 -3.70 -15.86 -8.30
N GLU A 59 -4.70 -16.67 -8.62
CA GLU A 59 -6.04 -16.49 -8.10
C GLU A 59 -6.52 -17.75 -7.38
N ARG A 60 -7.25 -17.55 -6.29
CA ARG A 60 -7.79 -18.65 -5.48
C ARG A 60 -9.17 -18.24 -5.01
N PRO A 61 -10.21 -18.58 -5.78
CA PRO A 61 -11.57 -18.14 -5.41
C PRO A 61 -12.24 -19.08 -4.41
N TRP A 69 -22.56 -16.42 1.92
CA TRP A 69 -23.17 -15.09 1.94
C TRP A 69 -23.58 -14.68 0.54
N ALA A 70 -24.89 -14.55 0.33
CA ALA A 70 -25.44 -14.18 -0.96
C ALA A 70 -25.35 -12.68 -1.25
N THR A 71 -24.64 -11.92 -0.41
CA THR A 71 -24.52 -10.49 -0.60
C THR A 71 -23.18 -10.07 -1.19
N VAL A 72 -22.19 -10.96 -1.22
CA VAL A 72 -20.85 -10.63 -1.68
C VAL A 72 -20.26 -11.82 -2.44
N ARG A 73 -19.61 -11.52 -3.54
CA ARG A 73 -18.78 -12.48 -4.27
C ARG A 73 -17.33 -12.07 -4.09
N SER A 74 -16.49 -13.02 -3.68
CA SER A 74 -15.11 -12.73 -3.35
C SER A 74 -14.17 -13.70 -4.05
N THR A 75 -12.96 -13.22 -4.31
CA THR A 75 -11.87 -14.05 -4.80
C THR A 75 -10.58 -13.52 -4.21
N GLU A 76 -9.58 -14.40 -4.11
CA GLU A 76 -8.29 -14.03 -3.56
C GLU A 76 -7.24 -14.02 -4.67
N ILE A 77 -6.41 -12.98 -4.67
CA ILE A 77 -5.40 -12.78 -5.69
C ILE A 77 -4.10 -12.37 -5.03
N GLY A 78 -3.00 -12.93 -5.49
CA GLY A 78 -1.70 -12.62 -4.93
C GLY A 78 -0.69 -13.73 -5.23
N ALA A 79 0.45 -13.62 -4.56
CA ALA A 79 1.53 -14.58 -4.71
C ALA A 79 2.49 -14.40 -3.54
N ASN A 80 3.13 -15.51 -3.16
CA ASN A 80 4.04 -15.50 -2.02
C ASN A 80 3.35 -14.87 -0.82
N ASP A 81 3.91 -13.79 -0.26
CA ASP A 81 3.34 -13.15 0.92
C ASP A 81 2.28 -12.10 0.59
N ILE A 82 1.99 -11.86 -0.67
CA ILE A 82 0.97 -10.90 -1.07
C ILE A 82 -0.38 -11.62 -1.12
N ARG A 83 -1.38 -11.05 -0.44
CA ARG A 83 -2.70 -11.67 -0.39
C ARG A 83 -3.77 -10.58 -0.43
N PHE A 84 -4.45 -10.47 -1.56
CA PHE A 84 -5.56 -9.55 -1.75
C PHE A 84 -6.87 -10.31 -1.72
N VAL A 85 -7.87 -9.73 -1.07
CA VAL A 85 -9.25 -10.21 -1.15
C VAL A 85 -10.05 -9.15 -1.89
N PHE A 86 -10.57 -9.51 -3.06
CA PHE A 86 -11.42 -8.63 -3.85
C PHE A 86 -12.85 -9.10 -3.68
N SER A 87 -13.71 -8.21 -3.19
CA SER A 87 -15.10 -8.52 -2.94
C SER A 87 -15.98 -7.54 -3.68
N GLU A 88 -16.94 -8.05 -4.44
CA GLU A 88 -17.92 -7.21 -5.11
C GLU A 88 -19.30 -7.46 -4.51
N PRO A 89 -19.99 -6.44 -4.03
CA PRO A 89 -21.30 -6.67 -3.40
C PRO A 89 -22.30 -7.21 -4.41
N LEU A 90 -23.15 -8.12 -3.94
CA LEU A 90 -24.21 -8.67 -4.75
C LEU A 90 -25.57 -8.05 -4.46
N VAL A 91 -25.62 -7.08 -3.53
CA VAL A 91 -26.85 -6.40 -3.15
C VAL A 91 -26.53 -4.96 -2.82
N ASP A 92 -27.54 -4.10 -2.91
CA ASP A 92 -27.36 -2.69 -2.60
C ASP A 92 -27.23 -2.44 -1.10
N ASP A 93 -27.80 -3.30 -0.27
CA ASP A 93 -27.76 -3.13 1.19
C ASP A 93 -26.54 -3.85 1.76
N HIS A 94 -25.37 -3.47 1.28
CA HIS A 94 -24.11 -4.04 1.72
C HIS A 94 -23.05 -2.95 1.75
N PRO A 95 -22.19 -2.94 2.78
CA PRO A 95 -21.17 -1.89 2.86
C PRO A 95 -20.38 -1.72 1.57
N GLY A 96 -20.18 -2.80 0.81
CA GLY A 96 -19.43 -2.69 -0.42
C GLY A 96 -20.11 -1.84 -1.48
N THR A 97 -21.45 -1.81 -1.47
CA THR A 97 -22.16 -0.94 -2.41
C THR A 97 -22.00 0.53 -2.02
N ALA A 98 -22.03 0.83 -0.72
CA ALA A 98 -21.80 2.20 -0.29
C ALA A 98 -20.36 2.64 -0.57
N TYR A 99 -19.41 1.71 -0.50
CA TYR A 99 -18.02 2.04 -0.80
C TYR A 99 -17.85 2.36 -2.28
N VAL A 100 -18.23 1.42 -3.15
CA VAL A 100 -17.99 1.59 -4.59
C VAL A 100 -18.70 2.82 -5.12
N ASP A 101 -19.87 3.15 -4.57
CA ASP A 101 -20.56 4.37 -4.97
C ASP A 101 -19.74 5.61 -4.62
N ARG A 102 -19.12 5.61 -3.44
CA ARG A 102 -18.39 6.80 -2.98
C ARG A 102 -17.00 6.87 -3.60
N HIS A 103 -16.26 5.76 -3.56
CA HIS A 103 -14.86 5.74 -3.96
C HIS A 103 -14.59 5.02 -5.27
N GLY A 104 -15.52 4.20 -5.74
CA GLY A 104 -15.17 3.23 -6.78
C GLY A 104 -14.41 2.08 -6.15
N ASP A 105 -13.64 1.37 -6.98
CA ASP A 105 -12.80 0.29 -6.46
C ASP A 105 -11.72 0.86 -5.56
N GLY A 106 -11.59 0.29 -4.36
CA GLY A 106 -10.59 0.77 -3.42
C GLY A 106 -10.36 -0.21 -2.30
N VAL A 107 -9.35 0.11 -1.50
CA VAL A 107 -9.02 -0.69 -0.33
C VAL A 107 -9.98 -0.33 0.80
N SER A 108 -10.74 -1.32 1.28
CA SER A 108 -11.74 -1.11 2.32
C SER A 108 -11.34 -1.69 3.66
N ASP A 109 -10.33 -2.55 3.72
CA ASP A 109 -9.96 -3.20 4.96
C ASP A 109 -8.53 -3.72 4.82
N ILE A 110 -7.68 -3.37 5.79
CA ILE A 110 -6.32 -3.91 5.88
C ILE A 110 -6.28 -4.77 7.13
N ALA A 111 -6.38 -6.09 6.91
CA ALA A 111 -6.48 -7.03 8.02
C ALA A 111 -5.14 -7.22 8.70
N LEU A 112 -5.17 -7.35 10.02
CA LEU A 112 -3.99 -7.56 10.83
C LEU A 112 -4.12 -8.91 11.52
N ARG A 113 -3.18 -9.81 11.25
CA ARG A 113 -3.19 -11.12 11.87
C ARG A 113 -2.68 -11.01 13.29
N VAL A 114 -3.49 -11.47 14.25
CA VAL A 114 -3.12 -11.53 15.65
C VAL A 114 -3.30 -12.96 16.12
N THR A 115 -2.60 -13.30 17.20
CA THR A 115 -2.78 -14.61 17.78
C THR A 115 -4.09 -14.73 18.55
N ASP A 116 -4.68 -13.59 18.93
CA ASP A 116 -5.94 -13.59 19.69
C ASP A 116 -6.73 -12.35 19.25
N ALA A 117 -7.76 -12.57 18.43
CA ALA A 117 -8.50 -11.45 17.86
C ALA A 117 -9.37 -10.75 18.89
N LYS A 118 -9.91 -11.50 19.86
CA LYS A 118 -10.72 -10.88 20.91
C LYS A 118 -9.87 -10.02 21.82
N ALA A 119 -8.71 -10.55 22.25
CA ALA A 119 -7.85 -9.79 23.15
C ALA A 119 -7.31 -8.54 22.48
N ALA A 120 -6.97 -8.63 21.19
CA ALA A 120 -6.49 -7.46 20.46
C ALA A 120 -7.60 -6.44 20.30
N PHE A 121 -8.81 -6.90 20.01
CA PHE A 121 -9.95 -5.99 19.88
C PHE A 121 -10.20 -5.22 21.17
N GLU A 122 -10.29 -5.95 22.29
CA GLU A 122 -10.61 -5.30 23.57
C GLU A 122 -9.54 -4.30 23.97
N GLU A 123 -8.28 -4.62 23.69
CA GLU A 123 -7.19 -3.70 24.03
C GLU A 123 -7.26 -2.43 23.19
N ALA A 124 -7.43 -2.58 21.87
CA ALA A 124 -7.46 -1.41 21.00
C ALA A 124 -8.64 -0.50 21.32
N VAL A 125 -9.80 -1.06 21.65
CA VAL A 125 -10.95 -0.24 22.00
C VAL A 125 -10.73 0.46 23.32
N ALA A 126 -10.10 -0.24 24.29
CA ALA A 126 -9.73 0.40 25.54
C ALA A 126 -8.75 1.55 25.32
N ARG A 127 -7.97 1.49 24.23
CA ARG A 127 -6.99 2.51 23.91
C ARG A 127 -7.57 3.67 23.11
N GLY A 128 -8.81 3.55 22.64
CA GLY A 128 -9.41 4.63 21.87
C GLY A 128 -10.00 4.20 20.55
N ALA A 129 -9.64 3.01 20.08
CA ALA A 129 -10.15 2.53 18.80
C ALA A 129 -11.67 2.56 18.77
N ARG A 130 -12.22 2.80 17.59
CA ARG A 130 -13.66 2.82 17.40
C ARG A 130 -14.08 1.47 16.83
N PRO A 131 -14.89 0.69 17.53
CA PRO A 131 -15.21 -0.66 17.06
C PRO A 131 -16.15 -0.64 15.86
N VAL A 132 -15.86 -1.50 14.90
CA VAL A 132 -16.73 -1.71 13.74
C VAL A 132 -17.49 -3.02 13.84
N ALA A 133 -16.83 -4.08 14.32
CA ALA A 133 -17.45 -5.39 14.49
C ALA A 133 -16.84 -6.07 15.70
N GLY A 134 -17.68 -6.53 16.62
CA GLY A 134 -17.22 -7.28 17.76
C GLY A 134 -16.71 -8.65 17.36
N PRO A 135 -15.95 -9.28 18.25
CA PRO A 135 -15.38 -10.59 17.91
C PRO A 135 -16.44 -11.61 17.54
N SER A 136 -16.17 -12.36 16.49
CA SER A 136 -17.04 -13.43 16.03
C SER A 136 -16.17 -14.48 15.37
N ARG A 137 -16.60 -15.74 15.46
CA ARG A 137 -15.87 -16.85 14.87
C ARG A 137 -16.67 -17.45 13.72
N ALA A 138 -15.98 -17.74 12.62
CA ALA A 138 -16.61 -18.41 11.49
C ALA A 138 -16.19 -19.88 11.49
N GLY A 139 -15.21 -20.23 10.67
CA GLY A 139 -14.69 -21.57 10.64
C GLY A 139 -13.21 -21.63 10.96
N HIS A 140 -12.40 -20.98 10.13
CA HIS A 140 -10.95 -20.94 10.34
C HIS A 140 -10.45 -19.54 10.68
N VAL A 141 -11.33 -18.67 11.16
CA VAL A 141 -10.93 -17.31 11.52
C VAL A 141 -11.83 -16.79 12.63
N VAL A 142 -11.22 -16.22 13.66
CA VAL A 142 -11.89 -15.33 14.61
C VAL A 142 -11.53 -13.91 14.18
N THR A 143 -12.53 -13.03 14.09
CA THR A 143 -12.33 -11.70 13.55
C THR A 143 -13.00 -10.65 14.41
N ALA A 144 -12.39 -9.47 14.45
CA ALA A 144 -12.95 -8.30 15.10
C ALA A 144 -12.38 -7.08 14.39
N SER A 145 -13.25 -6.16 13.96
CA SER A 145 -12.85 -5.04 13.13
C SER A 145 -12.97 -3.73 13.89
N ILE A 146 -11.97 -2.87 13.71
CA ILE A 146 -12.03 -1.49 14.17
C ILE A 146 -11.88 -0.59 12.95
N MET A 147 -12.04 0.71 13.17
CA MET A 147 -11.91 1.69 12.09
C MET A 147 -10.48 2.17 12.00
N GLY A 148 -10.05 2.44 10.76
CA GLY A 148 -8.74 3.01 10.48
C GLY A 148 -8.89 4.33 9.77
N PHE A 149 -7.92 4.68 8.92
CA PHE A 149 -7.98 5.96 8.25
C PHE A 149 -9.21 6.04 7.35
N GLY A 150 -9.75 7.25 7.21
CA GLY A 150 -10.93 7.47 6.41
C GLY A 150 -12.02 6.48 6.73
N ASP A 151 -12.51 5.78 5.71
CA ASP A 151 -13.50 4.73 5.88
C ASP A 151 -12.90 3.35 5.62
N THR A 152 -11.62 3.18 5.88
CA THR A 152 -10.96 1.88 5.73
C THR A 152 -10.87 1.18 7.08
N LEU A 153 -11.19 -0.10 7.08
CA LEU A 153 -11.23 -0.87 8.32
C LEU A 153 -9.89 -1.57 8.58
N HIS A 154 -9.70 -1.96 9.83
CA HIS A 154 -8.66 -2.91 10.24
C HIS A 154 -9.35 -4.05 10.95
N THR A 155 -9.34 -5.23 10.33
CA THR A 155 -9.90 -6.44 10.93
C THR A 155 -8.78 -7.20 11.62
N PHE A 156 -8.97 -7.50 12.90
CA PHE A 156 -8.08 -8.43 13.60
C PHE A 156 -8.49 -9.85 13.24
N VAL A 157 -7.54 -10.66 12.79
CA VAL A 157 -7.84 -11.99 12.29
C VAL A 157 -6.93 -12.99 12.99
N GLU A 158 -7.54 -14.07 13.48
CA GLU A 158 -6.86 -15.11 14.25
C GLU A 158 -7.13 -16.45 13.58
N TYR A 159 -6.08 -17.11 13.18
CA TYR A 159 -6.17 -18.40 12.53
C TYR A 159 -5.85 -19.52 13.53
N PRO A 160 -6.42 -20.69 13.34
CA PRO A 160 -6.20 -21.77 14.30
C PRO A 160 -4.87 -22.48 14.11
N ASP A 161 -4.39 -22.55 12.87
CA ASP A 161 -3.20 -23.33 12.54
C ASP A 161 -2.21 -22.52 11.72
N GLY A 162 -2.29 -21.19 11.79
CA GLY A 162 -1.41 -20.33 11.03
C GLY A 162 -2.10 -19.73 9.83
N PRO A 163 -1.47 -18.72 9.23
CA PRO A 163 -2.09 -18.00 8.11
C PRO A 163 -2.31 -18.92 6.93
N PRO A 164 -3.23 -18.59 6.03
CA PRO A 164 -3.42 -19.41 4.85
C PRO A 164 -2.13 -19.51 4.04
N ALA A 165 -2.01 -20.59 3.29
CA ALA A 165 -0.84 -20.80 2.46
C ALA A 165 -0.79 -19.78 1.33
N PRO A 166 0.39 -19.52 0.79
CA PRO A 166 0.50 -18.58 -0.34
C PRO A 166 -0.35 -19.02 -1.51
N ILE A 167 -0.93 -18.03 -2.21
CA ILE A 167 -1.79 -18.31 -3.36
C ILE A 167 -0.98 -18.90 -4.50
N ALA A 168 0.20 -18.34 -4.77
CA ALA A 168 1.18 -18.89 -5.68
C ALA A 168 2.55 -18.60 -5.08
N VAL A 169 3.54 -19.42 -5.43
CA VAL A 169 4.86 -19.30 -4.83
C VAL A 169 5.92 -19.33 -5.93
N ASN A 170 6.79 -18.32 -5.93
CA ASN A 170 7.95 -18.27 -6.80
C ASN A 170 8.98 -17.30 -6.21
N ALA A 171 9.14 -17.34 -4.88
CA ALA A 171 9.98 -16.35 -4.20
C ALA A 171 11.38 -16.30 -4.77
N GLU A 172 11.91 -17.44 -5.21
CA GLU A 172 13.28 -17.52 -5.71
C GLU A 172 13.42 -17.10 -7.17
N GLU A 173 12.32 -16.79 -7.82
CA GLU A 173 12.39 -16.42 -9.23
C GLU A 173 12.76 -14.95 -9.38
N PRO A 174 13.65 -14.62 -10.31
CA PRO A 174 13.99 -13.20 -10.54
C PRO A 174 12.78 -12.41 -11.00
N GLY A 175 12.60 -11.24 -10.39
CA GLY A 175 11.42 -10.43 -10.65
C GLY A 175 10.20 -10.84 -9.87
N ALA A 176 10.32 -11.78 -8.94
CA ALA A 176 9.15 -12.22 -8.17
C ALA A 176 8.71 -11.14 -7.20
N LEU A 177 7.39 -11.05 -7.01
CA LEU A 177 6.80 -10.11 -6.07
C LEU A 177 6.51 -10.86 -4.77
N LEU A 178 7.20 -10.46 -3.70
CA LEU A 178 7.39 -11.30 -2.52
C LEU A 178 6.46 -10.96 -1.36
N GLU A 179 6.12 -9.69 -1.16
CA GLU A 179 5.35 -9.25 -0.01
C GLU A 179 4.90 -7.82 -0.27
N ILE A 180 3.99 -7.34 0.57
CA ILE A 180 3.60 -5.94 0.56
C ILE A 180 4.54 -5.21 1.50
N ASP A 181 5.34 -4.29 0.96
CA ASP A 181 6.32 -3.58 1.76
C ASP A 181 5.66 -2.49 2.62
N HIS A 182 4.76 -1.71 2.02
CA HIS A 182 4.07 -0.65 2.75
C HIS A 182 2.81 -0.26 1.99
N PHE A 183 2.06 0.67 2.58
CA PHE A 183 0.92 1.32 1.95
C PHE A 183 1.09 2.83 2.06
N ALA A 184 0.71 3.56 1.01
CA ALA A 184 0.67 5.02 1.05
C ALA A 184 -0.78 5.47 1.23
N VAL A 185 -0.99 6.38 2.18
CA VAL A 185 -2.31 6.81 2.61
C VAL A 185 -2.37 8.33 2.52
N CYS A 186 -3.21 8.85 1.62
CA CYS A 186 -3.47 10.28 1.57
C CYS A 186 -4.50 10.63 2.63
N VAL A 187 -4.20 11.64 3.44
CA VAL A 187 -5.12 12.12 4.47
C VAL A 187 -5.46 13.56 4.19
N GLU A 188 -6.62 13.97 4.70
CA GLU A 188 -7.03 15.36 4.55
C GLU A 188 -6.07 16.28 5.31
N HIS A 189 -5.93 17.50 4.81
CA HIS A 189 -5.09 18.48 5.47
C HIS A 189 -5.58 18.73 6.90
N GLY A 190 -4.67 18.68 7.85
CA GLY A 190 -5.02 18.85 9.25
C GLY A 190 -5.43 17.58 9.97
N HIS A 191 -5.34 16.43 9.31
CA HIS A 191 -5.68 15.15 9.93
C HIS A 191 -4.48 14.23 10.05
N LEU A 192 -3.27 14.71 9.74
CA LEU A 192 -2.11 13.85 9.74
C LEU A 192 -1.70 13.47 11.16
N ASP A 193 -1.55 14.46 12.04
CA ASP A 193 -1.06 14.18 13.39
C ASP A 193 -2.07 13.37 14.19
N ALA A 194 -3.36 13.51 13.89
CA ALA A 194 -4.36 12.66 14.52
C ALA A 194 -4.26 11.23 14.01
N THR A 195 -3.95 11.06 12.73
CA THR A 195 -3.76 9.72 12.19
C THR A 195 -2.52 9.07 12.79
N VAL A 196 -1.41 9.81 12.88
CA VAL A 196 -0.20 9.29 13.48
C VAL A 196 -0.43 8.89 14.93
N ASP A 197 -1.11 9.75 15.70
CA ASP A 197 -1.35 9.46 17.11
C ASP A 197 -2.19 8.20 17.27
N PHE A 198 -3.16 7.98 16.39
CA PHE A 198 -3.98 6.78 16.45
C PHE A 198 -3.10 5.53 16.36
N TYR A 199 -2.35 5.39 15.26
CA TYR A 199 -1.57 4.18 15.03
C TYR A 199 -0.49 4.00 16.09
N ARG A 200 0.03 5.10 16.65
CA ARG A 200 1.04 4.97 17.69
C ARG A 200 0.41 4.71 19.05
N ASP A 201 -0.60 5.49 19.42
CA ASP A 201 -1.21 5.33 20.74
C ASP A 201 -2.09 4.09 20.82
N VAL A 202 -2.92 3.88 19.80
CA VAL A 202 -3.87 2.76 19.84
C VAL A 202 -3.20 1.46 19.43
N LEU A 203 -2.58 1.43 18.25
CA LEU A 203 -2.02 0.21 17.70
C LEU A 203 -0.55 0.00 18.05
N GLY A 204 0.12 1.01 18.63
CA GLY A 204 1.49 0.84 19.06
C GLY A 204 2.53 0.95 17.96
N PHE A 205 2.16 1.46 16.79
CA PHE A 205 3.12 1.60 15.71
C PHE A 205 4.25 2.55 16.12
N GLU A 206 5.35 2.46 15.40
CA GLU A 206 6.50 3.34 15.60
C GLU A 206 6.63 4.28 14.41
N LEU A 207 7.04 5.52 14.69
CA LEU A 207 7.31 6.51 13.66
C LEU A 207 8.73 6.32 13.15
N ILE A 208 8.88 5.99 11.87
CA ILE A 208 10.19 5.69 11.31
C ILE A 208 10.62 6.69 10.24
N PHE A 209 9.77 7.64 9.87
CA PHE A 209 10.11 8.66 8.90
C PHE A 209 9.23 9.87 9.15
N ALA A 210 9.76 11.06 8.88
CA ALA A 210 9.00 12.31 9.06
C ALA A 210 9.73 13.41 8.30
N GLU A 211 9.11 13.90 7.24
CA GLU A 211 9.65 15.00 6.46
C GLU A 211 8.54 15.70 5.71
N THR A 212 8.67 17.02 5.58
CA THR A 212 7.78 17.84 4.77
C THR A 212 8.44 18.07 3.41
N ILE A 213 7.82 17.53 2.36
CA ILE A 213 8.39 17.55 1.02
C ILE A 213 7.79 18.72 0.24
N ALA A 214 8.65 19.54 -0.35
CA ALA A 214 8.22 20.66 -1.18
C ALA A 214 8.84 20.53 -2.57
N VAL A 215 8.00 20.59 -3.59
CA VAL A 215 8.44 20.58 -4.99
C VAL A 215 7.73 21.72 -5.70
N GLY A 216 8.51 22.67 -6.22
CA GLY A 216 7.91 23.80 -6.91
C GLY A 216 7.04 24.62 -5.99
N SER A 217 5.79 24.83 -6.38
CA SER A 217 4.82 25.60 -5.60
C SER A 217 3.87 24.71 -4.82
N GLN A 218 4.20 23.43 -4.65
CA GLN A 218 3.39 22.50 -3.88
C GLN A 218 4.24 21.87 -2.78
N ALA A 219 3.57 21.39 -1.74
CA ALA A 219 4.28 20.75 -0.64
C ALA A 219 3.37 19.75 0.05
N MET A 220 3.98 18.87 0.83
CA MET A 220 3.28 17.80 1.53
C MET A 220 4.03 17.49 2.81
N THR A 221 3.44 16.62 3.63
CA THR A 221 4.09 16.10 4.83
C THR A 221 3.93 14.59 4.83
N THR A 222 5.05 13.88 4.91
CA THR A 222 5.04 12.43 4.93
C THR A 222 5.56 11.95 6.27
N LYS A 223 4.73 11.18 6.97
CA LYS A 223 5.11 10.51 8.22
C LYS A 223 4.78 9.03 8.08
N VAL A 224 5.78 8.18 8.30
CA VAL A 224 5.64 6.74 8.09
C VAL A 224 5.59 6.07 9.45
N VAL A 225 4.55 5.29 9.69
CA VAL A 225 4.36 4.55 10.93
C VAL A 225 4.42 3.07 10.61
N GLN A 226 5.04 2.30 11.49
CA GLN A 226 5.30 0.89 11.23
C GLN A 226 5.02 0.07 12.47
N SER A 227 4.52 -1.14 12.27
CA SER A 227 4.24 -2.02 13.40
C SER A 227 5.55 -2.48 14.02
N LYS A 228 5.50 -2.75 15.33
CA LYS A 228 6.66 -3.28 16.03
C LYS A 228 7.11 -4.59 15.40
N SER A 229 6.19 -5.36 14.81
CA SER A 229 6.56 -6.55 14.07
C SER A 229 7.34 -6.22 12.81
N GLY A 230 7.12 -5.02 12.25
CA GLY A 230 7.82 -4.60 11.06
C GLY A 230 7.13 -4.91 9.74
N SER A 231 5.99 -5.58 9.76
CA SER A 231 5.32 -5.98 8.53
C SER A 231 4.20 -5.05 8.11
N VAL A 232 3.74 -4.16 8.98
CA VAL A 232 2.66 -3.22 8.67
C VAL A 232 3.26 -1.82 8.66
N THR A 233 3.38 -1.24 7.46
CA THR A 233 3.98 0.07 7.28
C THR A 233 3.01 0.96 6.51
N PHE A 234 2.71 2.13 7.08
CA PHE A 234 1.83 3.11 6.45
C PHE A 234 2.59 4.42 6.31
N THR A 235 2.75 4.89 5.08
CA THR A 235 3.26 6.23 4.82
C THR A 235 2.08 7.18 4.70
N LEU A 236 1.97 8.11 5.64
CA LEU A 236 0.85 9.04 5.67
C LEU A 236 1.24 10.32 4.95
N ILE A 237 0.41 10.74 4.01
CA ILE A 237 0.67 11.90 3.16
C ILE A 237 -0.43 12.92 3.39
N GLU A 238 -0.03 14.17 3.65
CA GLU A 238 -0.97 15.26 3.92
C GLU A 238 -0.66 16.41 2.98
N PRO A 239 -1.60 16.85 2.16
CA PRO A 239 -1.33 17.99 1.27
C PRO A 239 -1.09 19.26 2.06
N ASP A 240 -0.38 20.19 1.43
CA ASP A 240 -0.09 21.48 2.01
C ASP A 240 -1.00 22.50 1.36
N THR A 241 -2.05 22.90 2.08
CA THR A 241 -3.06 23.81 1.56
C THR A 241 -2.57 25.24 1.46
N SER A 242 -1.44 25.58 2.09
CA SER A 242 -0.82 26.89 1.94
C SER A 242 -0.09 27.03 0.60
N LYS A 243 0.12 25.92 -0.10
CA LYS A 243 0.76 25.93 -1.40
C LYS A 243 -0.30 25.69 -2.48
N ASP A 244 0.16 25.45 -3.70
CA ASP A 244 -0.75 25.11 -4.79
C ASP A 244 -1.11 23.63 -4.73
N PRO A 245 -2.32 23.27 -5.16
CA PRO A 245 -2.75 21.88 -5.06
C PRO A 245 -2.03 20.97 -6.05
N GLY A 246 -1.94 19.70 -5.68
CA GLY A 246 -1.29 18.72 -6.53
C GLY A 246 -2.06 17.42 -6.63
N HIS A 247 -1.37 16.34 -7.00
CA HIS A 247 -2.02 15.04 -7.16
C HIS A 247 -2.48 14.45 -5.82
N ILE A 248 -1.88 14.88 -4.72
CA ILE A 248 -2.41 14.53 -3.40
C ILE A 248 -3.81 15.11 -3.24
N ASP A 249 -3.98 16.38 -3.62
CA ASP A 249 -5.28 17.02 -3.54
C ASP A 249 -6.28 16.39 -4.50
N ASP A 250 -5.81 15.93 -5.66
CA ASP A 250 -6.70 15.27 -6.62
C ASP A 250 -7.22 13.94 -6.04
N PHE A 251 -6.31 13.12 -5.51
CA PHE A 251 -6.71 11.87 -4.91
C PHE A 251 -7.78 12.07 -3.84
N LEU A 252 -7.52 12.97 -2.90
CA LEU A 252 -8.48 13.21 -1.83
C LEU A 252 -9.84 13.61 -2.37
N LYS A 253 -9.86 14.46 -3.39
CA LYS A 253 -11.12 14.92 -3.96
C LYS A 253 -11.79 13.83 -4.78
N ASP A 254 -11.02 13.13 -5.63
CA ASP A 254 -11.59 12.13 -6.52
C ASP A 254 -11.93 10.83 -5.78
N HIS A 255 -11.08 10.43 -4.84
CA HIS A 255 -11.38 9.25 -4.04
C HIS A 255 -12.60 9.49 -3.14
N GLY A 256 -12.66 10.66 -2.51
CA GLY A 256 -13.77 11.01 -1.65
C GLY A 256 -13.36 11.07 -0.20
N GLY A 257 -12.09 11.38 0.04
CA GLY A 257 -11.53 11.41 1.37
C GLY A 257 -10.26 10.59 1.43
N ALA A 258 -9.83 10.29 2.65
CA ALA A 258 -8.59 9.55 2.85
C ALA A 258 -8.73 8.11 2.38
N GLY A 259 -7.62 7.57 1.89
CA GLY A 259 -7.62 6.20 1.39
C GLY A 259 -6.22 5.83 0.92
N VAL A 260 -6.08 4.55 0.58
CA VAL A 260 -4.79 4.04 0.12
C VAL A 260 -4.49 4.61 -1.27
N GLN A 261 -3.37 5.33 -1.37
CA GLN A 261 -2.97 5.89 -2.66
C GLN A 261 -2.27 4.84 -3.53
N HIS A 262 -1.35 4.06 -2.96
CA HIS A 262 -0.69 3.01 -3.72
C HIS A 262 -0.27 1.89 -2.78
N ILE A 263 0.10 0.76 -3.38
CA ILE A 263 0.57 -0.40 -2.63
C ILE A 263 1.89 -0.86 -3.23
N ALA A 264 2.88 -1.07 -2.38
CA ALA A 264 4.25 -1.35 -2.80
C ALA A 264 4.54 -2.84 -2.66
N PHE A 265 5.05 -3.45 -3.74
CA PHE A 265 5.43 -4.84 -3.77
C PHE A 265 6.95 -4.94 -3.73
N THR A 266 7.48 -5.54 -2.67
CA THR A 266 8.90 -5.88 -2.69
C THR A 266 9.15 -6.85 -3.83
N SER A 267 10.25 -6.65 -4.55
CA SER A 267 10.56 -7.43 -5.73
C SER A 267 11.91 -8.11 -5.59
N ASN A 268 11.99 -9.37 -6.03
CA ASN A 268 13.23 -10.13 -6.04
C ASN A 268 14.05 -9.68 -7.25
N GLY A 269 14.52 -8.43 -7.17
CA GLY A 269 15.22 -7.81 -8.28
C GLY A 269 14.33 -6.88 -9.07
N ILE A 270 14.50 -5.56 -8.90
CA ILE A 270 13.53 -4.61 -9.45
C ILE A 270 13.72 -4.41 -10.95
N ILE A 271 14.92 -4.63 -11.48
CA ILE A 271 15.11 -4.51 -12.92
C ILE A 271 14.38 -5.63 -13.66
N GLU A 272 14.40 -6.84 -13.11
CA GLU A 272 13.73 -7.95 -13.76
C GLU A 272 12.22 -7.90 -13.56
N ALA A 273 11.78 -7.44 -12.39
CA ALA A 273 10.34 -7.34 -12.14
C ALA A 273 9.69 -6.33 -13.08
N VAL A 274 10.33 -5.18 -13.29
CA VAL A 274 9.79 -4.18 -14.22
C VAL A 274 9.90 -4.67 -15.65
N ASP A 275 10.97 -5.41 -15.97
CA ASP A 275 11.12 -5.92 -17.33
C ASP A 275 9.99 -6.86 -17.71
N VAL A 276 9.70 -7.84 -16.84
CA VAL A 276 8.64 -8.81 -17.14
C VAL A 276 7.28 -8.12 -17.19
N LEU A 277 6.99 -7.29 -16.19
CA LEU A 277 5.72 -6.58 -16.17
C LEU A 277 5.53 -5.75 -17.43
N ARG A 278 6.59 -5.07 -17.90
CA ARG A 278 6.49 -4.28 -19.12
C ARG A 278 6.11 -5.15 -20.31
N ASP A 279 6.61 -6.39 -20.35
CA ASP A 279 6.26 -7.30 -21.43
C ASP A 279 4.81 -7.77 -21.36
N ARG A 280 4.16 -7.63 -20.21
CA ARG A 280 2.78 -8.04 -20.03
C ARG A 280 1.78 -6.93 -20.24
N GLY A 281 2.23 -5.72 -20.56
CA GLY A 281 1.35 -4.59 -20.76
C GLY A 281 1.25 -3.64 -19.59
N VAL A 282 2.03 -3.84 -18.54
CA VAL A 282 2.00 -2.94 -17.38
C VAL A 282 2.72 -1.65 -17.74
N GLU A 283 2.05 -0.52 -17.54
CA GLU A 283 2.61 0.79 -17.83
C GLU A 283 3.07 1.44 -16.52
N PHE A 284 4.28 1.99 -16.54
CA PHE A 284 4.87 2.61 -15.37
C PHE A 284 5.03 4.10 -15.58
N MET A 285 5.12 4.83 -14.48
CA MET A 285 5.30 6.27 -14.54
C MET A 285 6.71 6.61 -15.03
N GLY A 286 6.83 7.76 -15.70
CA GLY A 286 8.08 8.17 -16.30
C GLY A 286 8.91 9.08 -15.41
N THR A 287 10.21 9.11 -15.70
CA THR A 287 11.17 9.97 -15.04
C THR A 287 12.12 10.48 -16.13
N PRO A 288 12.28 11.78 -16.30
CA PRO A 288 13.05 12.30 -17.42
C PRO A 288 14.50 11.81 -17.40
N ALA A 289 15.13 11.88 -18.57
CA ALA A 289 16.53 11.47 -18.68
C ALA A 289 17.45 12.33 -17.85
N SER A 290 17.04 13.57 -17.54
CA SER A 290 17.86 14.44 -16.72
C SER A 290 18.20 13.78 -15.38
N TYR A 291 17.26 13.01 -14.83
CA TYR A 291 17.48 12.39 -13.53
C TYR A 291 18.69 11.45 -13.55
N TYR A 292 18.85 10.69 -14.62
CA TYR A 292 19.92 9.71 -14.72
C TYR A 292 21.24 10.32 -15.18
N ALA A 293 21.20 11.48 -15.86
CA ALA A 293 22.42 12.12 -16.33
C ALA A 293 23.25 12.65 -15.18
N ASP A 294 22.61 13.10 -14.10
CA ASP A 294 23.30 13.67 -12.95
C ASP A 294 23.22 12.76 -11.71
N LEU A 295 23.00 11.46 -11.92
CA LEU A 295 22.73 10.56 -10.80
C LEU A 295 24.00 10.22 -10.03
N LEU A 296 25.10 9.97 -10.73
CA LEU A 296 26.32 9.51 -10.06
C LEU A 296 27.00 10.59 -9.23
N GLN A 297 26.64 11.85 -9.40
CA GLN A 297 27.13 12.87 -8.48
C GLN A 297 26.40 12.84 -7.15
N ARG A 298 25.26 12.14 -7.07
CA ARG A 298 24.49 12.01 -5.84
C ARG A 298 24.67 10.63 -5.19
N VAL A 299 24.38 9.55 -5.92
CA VAL A 299 24.57 8.21 -5.42
C VAL A 299 25.18 7.34 -6.51
N VAL A 300 25.96 6.35 -6.09
CA VAL A 300 26.51 5.36 -6.99
C VAL A 300 25.77 4.04 -6.76
N PRO A 301 24.82 3.68 -7.63
CA PRO A 301 24.10 2.42 -7.42
C PRO A 301 25.06 1.24 -7.53
N GLU A 302 24.97 0.34 -6.56
CA GLU A 302 25.86 -0.81 -6.52
C GLU A 302 25.29 -2.02 -7.25
N GLN A 303 23.98 -2.24 -7.17
CA GLN A 303 23.40 -3.44 -7.76
C GLN A 303 23.20 -3.29 -9.26
N TYR A 304 22.75 -2.12 -9.71
CA TYR A 304 22.40 -1.92 -11.12
C TYR A 304 23.21 -0.77 -11.72
N SER A 305 23.21 -0.73 -13.04
CA SER A 305 23.86 0.35 -13.78
C SER A 305 22.86 1.44 -14.11
N VAL A 306 23.37 2.59 -14.52
CA VAL A 306 22.53 3.74 -14.86
C VAL A 306 21.73 3.41 -16.12
N PRO A 307 22.32 2.80 -17.15
CA PRO A 307 21.51 2.38 -18.30
C PRO A 307 20.35 1.48 -17.94
N GLU A 308 20.58 0.45 -17.11
CA GLU A 308 19.47 -0.37 -16.64
C GLU A 308 18.43 0.48 -15.92
N LEU A 309 18.87 1.30 -14.96
CA LEU A 309 17.93 2.12 -14.20
C LEU A 309 17.16 3.07 -15.12
N ARG A 310 17.86 3.71 -16.06
CA ARG A 310 17.20 4.64 -16.97
C ARG A 310 16.20 3.92 -17.86
N THR A 311 16.59 2.76 -18.40
CA THR A 311 15.70 2.02 -19.28
C THR A 311 14.39 1.68 -18.59
N GLN A 312 14.47 1.16 -17.37
CA GLN A 312 13.29 0.74 -16.63
C GLN A 312 12.66 1.87 -15.83
N GLN A 313 13.31 3.04 -15.76
CA GLN A 313 12.77 4.20 -15.05
C GLN A 313 12.66 3.92 -13.55
N VAL A 314 13.67 3.27 -12.99
CA VAL A 314 13.72 2.95 -11.56
C VAL A 314 14.49 4.03 -10.83
N LEU A 315 14.04 4.38 -9.63
CA LEU A 315 14.64 5.44 -8.82
C LEU A 315 15.46 4.83 -7.71
N VAL A 316 16.60 5.45 -7.40
CA VAL A 316 17.55 4.92 -6.42
C VAL A 316 17.84 5.97 -5.36
N ASP A 317 17.98 5.51 -4.12
CA ASP A 317 18.37 6.36 -3.00
C ASP A 317 19.13 5.49 -2.00
N GLU A 318 19.74 6.14 -1.01
CA GLU A 318 20.53 5.42 -0.02
C GLU A 318 20.52 6.17 1.31
N ASP A 319 20.71 5.42 2.39
CA ASP A 319 20.92 6.02 3.70
C ASP A 319 22.15 5.41 4.37
N HIS A 320 22.14 5.33 5.70
CA HIS A 320 23.32 4.82 6.40
C HIS A 320 23.52 3.34 6.14
N ASP A 321 22.44 2.57 6.03
CA ASP A 321 22.54 1.12 5.98
C ASP A 321 22.58 0.54 4.58
N GLY A 322 22.10 1.26 3.56
CA GLY A 322 22.17 0.74 2.21
C GLY A 322 21.37 1.61 1.25
N GLN A 323 21.05 1.03 0.10
CA GLN A 323 20.38 1.71 -0.99
C GLN A 323 18.98 1.15 -1.19
N LEU A 324 18.14 1.94 -1.87
CA LEU A 324 16.73 1.63 -2.02
C LEU A 324 16.29 1.99 -3.43
N TYR A 325 15.53 1.08 -4.06
CA TYR A 325 15.06 1.25 -5.43
C TYR A 325 13.53 1.19 -5.45
N GLN A 326 12.91 2.17 -6.10
CA GLN A 326 11.45 2.26 -6.15
C GLN A 326 11.00 2.74 -7.51
N ILE A 327 9.76 2.40 -7.87
CA ILE A 327 9.16 2.82 -9.13
C ILE A 327 7.64 2.70 -9.00
N PHE A 328 6.93 3.63 -9.65
CA PHE A 328 5.48 3.67 -9.61
C PHE A 328 4.89 3.18 -10.93
N ALA A 329 3.85 2.37 -10.84
CA ALA A 329 3.04 2.01 -12.00
C ALA A 329 1.90 3.00 -12.16
N ARG A 330 1.54 3.28 -13.41
CA ARG A 330 0.40 4.16 -13.67
C ARG A 330 -0.85 3.59 -13.01
N SER A 331 -1.75 4.49 -12.62
CA SER A 331 -3.04 4.07 -12.07
C SER A 331 -3.92 3.62 -13.23
N VAL A 332 -4.58 2.48 -13.07
CA VAL A 332 -5.48 1.97 -14.09
C VAL A 332 -6.90 2.13 -13.57
N HIS A 333 -7.03 2.87 -12.47
CA HIS A 333 -8.31 3.13 -11.83
C HIS A 333 -9.09 4.19 -12.62
N PRO A 334 -10.41 4.00 -12.81
CA PRO A 334 -11.19 4.96 -13.59
C PRO A 334 -11.10 6.38 -13.05
N ARG A 335 -10.82 6.54 -11.76
CA ARG A 335 -10.65 7.87 -11.20
C ARG A 335 -9.19 8.30 -11.16
N ASN A 336 -8.27 7.44 -11.57
CA ASN A 336 -6.85 7.76 -11.59
C ASN A 336 -6.34 8.02 -10.18
N THR A 337 -6.79 7.19 -9.23
CA THR A 337 -6.47 7.39 -7.83
C THR A 337 -5.39 6.41 -7.35
N ILE A 338 -5.78 5.18 -7.04
CA ILE A 338 -4.83 4.20 -6.52
C ILE A 338 -3.93 3.70 -7.64
N PHE A 339 -2.67 3.47 -7.32
CA PHE A 339 -1.72 2.87 -8.25
C PHE A 339 -0.79 1.96 -7.46
N LEU A 340 0.20 1.38 -8.13
CA LEU A 340 1.07 0.39 -7.53
C LEU A 340 2.53 0.81 -7.60
N GLU A 341 3.32 0.28 -6.68
CA GLU A 341 4.74 0.58 -6.59
C GLU A 341 5.52 -0.72 -6.46
N LEU A 342 6.70 -0.76 -7.07
CA LEU A 342 7.67 -1.83 -6.90
C LEU A 342 8.88 -1.29 -6.15
N ILE A 343 9.38 -2.06 -5.18
CA ILE A 343 10.49 -1.62 -4.36
C ILE A 343 11.44 -2.78 -4.14
N GLU A 344 12.73 -2.47 -4.07
CA GLU A 344 13.74 -3.43 -3.67
C GLU A 344 14.70 -2.75 -2.71
N ARG A 345 14.94 -3.37 -1.58
CA ARG A 345 15.83 -2.84 -0.55
C ARG A 345 17.12 -3.63 -0.55
N LEU A 346 18.26 -2.92 -0.57
CA LEU A 346 19.56 -3.54 -0.41
C LEU A 346 20.00 -3.51 1.05
N GLY A 347 20.11 -2.31 1.63
CA GLY A 347 20.35 -2.17 3.04
C GLY A 347 19.38 -1.18 3.66
N ALA A 348 18.81 -0.32 2.80
CA ALA A 348 17.87 0.70 3.24
C ALA A 348 16.66 0.08 3.91
N ARG A 349 16.49 0.32 5.20
CA ARG A 349 15.40 -0.26 5.97
C ARG A 349 14.20 0.67 6.11
N GLY A 350 14.38 1.96 5.83
CA GLY A 350 13.28 2.91 5.89
C GLY A 350 13.02 3.57 4.55
N PHE A 351 12.89 4.89 4.54
CA PHE A 351 12.59 5.64 3.33
C PHE A 351 13.56 6.81 3.18
N GLY A 352 13.87 7.13 1.93
CA GLY A 352 14.79 8.20 1.60
C GLY A 352 14.03 9.41 1.10
N SER A 353 14.57 10.60 1.40
CA SER A 353 13.95 11.84 0.95
C SER A 353 14.16 12.09 -0.53
N GLY A 354 15.22 11.54 -1.12
CA GLY A 354 15.42 11.71 -2.55
C GLY A 354 14.42 10.94 -3.38
N ASN A 355 14.14 9.69 -3.00
CA ASN A 355 13.14 8.90 -3.70
C ASN A 355 11.74 9.46 -3.46
N ILE A 356 11.46 9.90 -2.23
CA ILE A 356 10.16 10.50 -1.94
C ILE A 356 9.91 11.70 -2.84
N THR A 357 10.90 12.60 -2.95
CA THR A 357 10.75 13.76 -3.82
C THR A 357 10.62 13.34 -5.28
N ALA A 358 11.46 12.40 -5.72
CA ALA A 358 11.40 11.94 -7.10
C ALA A 358 10.07 11.26 -7.40
N LEU A 359 9.59 10.42 -6.48
CA LEU A 359 8.34 9.69 -6.69
C LEU A 359 7.15 10.63 -6.71
N TYR A 360 7.20 11.72 -5.94
CA TYR A 360 6.13 12.73 -6.02
C TYR A 360 6.07 13.34 -7.41
N GLN A 361 7.22 13.77 -7.94
CA GLN A 361 7.26 14.38 -9.26
C GLN A 361 6.71 13.42 -10.33
N ALA A 362 7.12 12.15 -10.28
CA ALA A 362 6.63 11.19 -11.26
C ALA A 362 5.12 11.07 -11.21
N ALA A 363 4.55 11.00 -10.00
CA ALA A 363 3.10 10.94 -9.87
C ALA A 363 2.45 12.25 -10.27
N GLU A 364 3.10 13.38 -9.99
CA GLU A 364 2.55 14.67 -10.38
C GLU A 364 2.56 14.86 -11.89
N ARG A 365 3.47 14.18 -12.58
CA ARG A 365 3.56 14.31 -14.03
C ARG A 365 2.53 13.46 -14.76
N GLN A 366 2.13 12.34 -14.17
CA GLN A 366 1.22 11.44 -14.85
C GLN A 366 -0.23 11.87 -14.71
N ARG A 367 -0.58 12.60 -13.66
CA ARG A 367 -1.96 13.02 -13.46
C ARG A 367 -2.10 14.54 -13.42
N ASP A 368 -1.74 15.15 -12.29
CA ASP A 368 -1.88 16.61 -12.14
C ASP A 368 -0.62 17.33 -12.60
#